data_4NQL
#
_entry.id   4NQL
#
_cell.length_a   49.489
_cell.length_b   56.740
_cell.length_c   135.110
_cell.angle_alpha   90.00
_cell.angle_beta   90.00
_cell.angle_gamma   90.00
#
_symmetry.space_group_name_H-M   'P 21 21 21'
#
loop_
_entity.id
_entity.type
_entity.pdbx_description
1 polymer 'AMSH-like protease sst2'
2 polymer Ubiquitin
3 polymer Ubiquitin
4 non-polymer 'ZINC ION'
5 non-polymer 1,2-ETHANEDIOL
6 water water
#
loop_
_entity_poly.entity_id
_entity_poly.type
_entity_poly.pdbx_seq_one_letter_code
_entity_poly.pdbx_strand_id
1 'polypeptide(L)'
;GPLGSMDDNKDIQFIKKPIAVRTSKPRPKPAGTFKIHAYTEGGKPLRTIYLPKLLKKVFLDVVKPNTKKNLATCGILCGK
LRQNAFFITHLVIPLQEATSDTCGTTDEASLFEFQDKHNLLTLGWIHTHPTQTCFMSSVALHTHCSYQLMLPEAIAIVMA
PSKNTSGIFRLLDPEGLQTIVKCRKPGLFHPHEGKVYTMVAQPGHVREINSKLQVVDLRVK
;
A
2 'polypeptide(L)' MQIFVKTLTGKTITLEVEPSDTIENVKAKIQDKEGIPPDQQRLIFAGKQLEDGRTLSDYNIQRESTLHLVLRLRGG B
3 'polypeptide(L)' MQIFVKTLTGKTITLEVEPSDTIENVKAKIQDKEGIPPDQQRLIFAGKQLEDGRTLSDYNIQKESTLHLVLRLRGGD C
#
# COMPACT_ATOMS: atom_id res chain seq x y z
N PHE A 34 4.04 -28.85 -10.64
CA PHE A 34 3.26 -27.63 -11.01
C PHE A 34 2.30 -27.19 -9.91
N LYS A 35 1.93 -28.11 -9.01
CA LYS A 35 1.14 -27.76 -7.82
C LYS A 35 2.03 -27.14 -6.75
N ILE A 36 1.68 -25.92 -6.34
CA ILE A 36 2.44 -25.18 -5.33
C ILE A 36 1.63 -25.06 -4.04
N HIS A 37 2.24 -25.33 -2.89
CA HIS A 37 1.62 -25.04 -1.60
C HIS A 37 2.44 -23.96 -0.90
N ALA A 38 1.83 -22.78 -0.70
CA ALA A 38 2.52 -21.63 -0.09
C ALA A 38 2.08 -21.43 1.36
N TYR A 39 3.02 -21.46 2.30
CA TYR A 39 2.68 -21.29 3.71
C TYR A 39 3.34 -20.05 4.28
N THR A 40 2.55 -19.26 5.01
CA THR A 40 3.11 -18.16 5.79
C THR A 40 3.94 -18.72 6.94
N GLU A 41 4.72 -17.85 7.56
CA GLU A 41 5.46 -18.19 8.77
C GLU A 41 4.55 -18.85 9.80
N GLY A 42 3.35 -18.32 9.95
CA GLY A 42 2.37 -18.83 10.91
C GLY A 42 1.65 -20.13 10.53
N GLY A 43 1.98 -20.70 9.37
CA GLY A 43 1.38 -21.94 8.93
C GLY A 43 0.15 -21.80 8.05
N LYS A 44 -0.20 -20.58 7.66
CA LYS A 44 -1.43 -20.35 6.89
C LYS A 44 -1.20 -20.57 5.38
N PRO A 45 -2.07 -21.37 4.73
CA PRO A 45 -1.92 -21.58 3.27
C PRO A 45 -2.42 -20.39 2.46
N LEU A 46 -1.67 -20.02 1.42
CA LEU A 46 -2.00 -18.89 0.56
C LEU A 46 -2.45 -19.35 -0.81
N ARG A 47 -3.58 -18.84 -1.30
CA ARG A 47 -4.06 -19.16 -2.65
C ARG A 47 -3.17 -18.52 -3.71
N THR A 48 -3.24 -19.06 -4.91
CA THR A 48 -2.45 -18.58 -6.02
C THR A 48 -2.99 -17.27 -6.60
N ILE A 49 -2.08 -16.39 -6.97
CA ILE A 49 -2.40 -15.19 -7.74
C ILE A 49 -1.64 -15.29 -9.06
N TYR A 50 -2.39 -15.29 -10.16
CA TYR A 50 -1.80 -15.23 -11.48
C TYR A 50 -1.62 -13.79 -11.90
N LEU A 51 -0.37 -13.45 -12.23
CA LEU A 51 0.02 -12.10 -12.60
C LEU A 51 0.50 -12.10 -14.05
N PRO A 52 -0.14 -11.30 -14.91
CA PRO A 52 0.33 -11.18 -16.27
C PRO A 52 1.77 -10.65 -16.36
N LYS A 53 2.59 -11.38 -17.11
CA LYS A 53 3.97 -11.02 -17.44
C LYS A 53 4.11 -9.57 -17.87
N LEU A 54 3.14 -9.13 -18.67
CA LEU A 54 3.13 -7.77 -19.22
C LEU A 54 2.99 -6.64 -18.19
N LEU A 55 2.50 -6.92 -16.99
CA LEU A 55 2.04 -5.85 -16.10
C LEU A 55 3.11 -4.82 -15.70
N LYS A 56 4.30 -5.29 -15.32
CA LYS A 56 5.38 -4.39 -14.89
C LYS A 56 5.79 -3.44 -16.00
N LYS A 57 6.01 -3.99 -17.20
CA LYS A 57 6.41 -3.24 -18.37
C LYS A 57 5.35 -2.24 -18.78
N VAL A 58 4.11 -2.72 -18.84
CA VAL A 58 2.98 -1.89 -19.24
C VAL A 58 2.72 -0.78 -18.21
N PHE A 59 2.90 -1.09 -16.92
CA PHE A 59 2.80 -0.07 -15.87
C PHE A 59 3.84 1.04 -16.07
N LEU A 60 5.10 0.67 -16.28
CA LEU A 60 6.13 1.68 -16.51
C LEU A 60 5.84 2.54 -17.74
N ASP A 61 5.17 1.95 -18.72
CA ASP A 61 4.85 2.66 -19.97
C ASP A 61 3.78 3.73 -19.78
N VAL A 62 2.74 3.38 -19.04
CA VAL A 62 1.62 4.28 -18.83
C VAL A 62 1.99 5.41 -17.87
N VAL A 63 2.85 5.14 -16.89
CA VAL A 63 3.25 6.18 -15.93
C VAL A 63 4.55 6.93 -16.33
N LYS A 64 5.02 6.75 -17.56
CA LYS A 64 6.32 7.30 -17.96
C LYS A 64 6.43 8.84 -17.90
N PRO A 65 5.39 9.58 -18.35
CA PRO A 65 5.46 11.04 -18.20
C PRO A 65 5.71 11.50 -16.76
N ASN A 66 5.12 10.80 -15.80
CA ASN A 66 5.40 11.04 -14.38
C ASN A 66 6.81 10.68 -13.98
N THR A 67 7.22 9.46 -14.33
CA THR A 67 8.56 8.99 -14.02
C THR A 67 9.60 9.97 -14.54
N LYS A 68 9.41 10.48 -15.74
CA LYS A 68 10.37 11.41 -16.36
C LYS A 68 10.38 12.77 -15.71
N LYS A 69 9.32 13.11 -14.99
CA LYS A 69 9.27 14.32 -14.19
C LYS A 69 9.62 13.99 -12.74
N ASN A 70 10.32 12.88 -12.55
CA ASN A 70 10.72 12.42 -11.23
C ASN A 70 9.53 12.47 -10.25
N LEU A 71 8.40 11.90 -10.67
CA LEU A 71 7.21 11.82 -9.84
C LEU A 71 6.84 10.35 -9.70
N ALA A 72 6.64 9.92 -8.45
CA ALA A 72 6.13 8.59 -8.15
C ALA A 72 4.71 8.45 -8.65
N THR A 73 4.35 7.22 -9.04
CA THR A 73 2.98 6.91 -9.41
C THR A 73 2.58 5.56 -8.84
N CYS A 74 1.30 5.46 -8.46
CA CYS A 74 0.80 4.20 -7.92
CA CYS A 74 0.72 4.31 -7.80
C CYS A 74 -0.33 3.65 -8.76
N GLY A 75 -0.54 2.34 -8.61
CA GLY A 75 -1.56 1.63 -9.37
C GLY A 75 -2.13 0.49 -8.54
N ILE A 76 -3.34 0.04 -8.89
CA ILE A 76 -4.00 -1.07 -8.18
C ILE A 76 -3.96 -2.33 -9.04
N LEU A 77 -3.66 -3.47 -8.41
CA LEU A 77 -3.76 -4.77 -9.06
C LEU A 77 -5.17 -5.33 -8.81
N CYS A 78 -5.99 -5.35 -9.86
CA CYS A 78 -7.39 -5.78 -9.75
C CYS A 78 -7.65 -7.07 -10.52
N GLY A 79 -8.65 -7.83 -10.09
CA GLY A 79 -8.90 -9.15 -10.65
C GLY A 79 -10.09 -9.89 -10.11
N LYS A 80 -10.09 -11.22 -10.32
CA LYS A 80 -11.23 -12.08 -10.04
C LYS A 80 -10.80 -13.35 -9.32
N LEU A 81 -11.74 -13.95 -8.58
CA LEU A 81 -11.55 -15.25 -7.96
C LEU A 81 -12.25 -16.30 -8.81
N ARG A 82 -11.49 -17.27 -9.32
CA ARG A 82 -12.05 -18.44 -10.01
C ARG A 82 -11.40 -19.70 -9.50
N GLN A 83 -12.22 -20.67 -9.08
CA GLN A 83 -11.74 -21.99 -8.69
C GLN A 83 -10.70 -21.92 -7.60
N ASN A 84 -10.98 -21.14 -6.56
CA ASN A 84 -10.07 -20.94 -5.43
C ASN A 84 -8.71 -20.27 -5.81
N ALA A 85 -8.68 -19.60 -6.96
CA ALA A 85 -7.47 -18.93 -7.44
C ALA A 85 -7.78 -17.51 -7.92
N PHE A 86 -6.84 -16.59 -7.70
CA PHE A 86 -7.01 -15.21 -8.12
C PHE A 86 -6.29 -14.96 -9.43
N PHE A 87 -6.88 -14.11 -10.26
CA PHE A 87 -6.27 -13.68 -11.52
C PHE A 87 -6.22 -12.16 -11.52
N ILE A 88 -5.04 -11.60 -11.77
CA ILE A 88 -4.94 -10.16 -11.94
C ILE A 88 -5.27 -9.91 -13.41
N THR A 89 -6.38 -9.25 -13.64
CA THR A 89 -6.88 -8.97 -15.00
C THR A 89 -6.70 -7.51 -15.40
N HIS A 90 -6.68 -6.60 -14.42
CA HIS A 90 -6.64 -5.17 -14.68
C HIS A 90 -5.66 -4.42 -13.77
N LEU A 91 -4.89 -3.55 -14.40
CA LEU A 91 -4.07 -2.55 -13.73
C LEU A 91 -4.88 -1.27 -13.76
N VAL A 92 -5.22 -0.74 -12.59
CA VAL A 92 -6.01 0.48 -12.50
C VAL A 92 -5.14 1.59 -11.95
N ILE A 93 -5.10 2.72 -12.66
CA ILE A 93 -4.35 3.88 -12.23
C ILE A 93 -5.35 4.90 -11.67
N PRO A 94 -5.43 5.00 -10.34
CA PRO A 94 -6.42 5.88 -9.72
C PRO A 94 -6.02 7.35 -9.78
N LEU A 95 -7.00 8.20 -9.49
CA LEU A 95 -6.75 9.62 -9.22
C LEU A 95 -5.79 9.72 -8.05
N GLN A 96 -4.78 10.56 -8.19
CA GLN A 96 -3.72 10.61 -7.19
C GLN A 96 -2.93 11.88 -7.28
N GLU A 97 -2.13 12.09 -6.25
CA GLU A 97 -1.16 13.16 -6.16
C GLU A 97 0.17 12.50 -5.86
N ALA A 98 1.24 13.26 -6.08
CA ALA A 98 2.59 12.72 -5.95
C ALA A 98 3.67 13.79 -5.70
N THR A 99 4.79 13.30 -5.20
CA THR A 99 6.06 14.03 -5.13
C THR A 99 7.14 13.10 -5.68
N SER A 100 8.40 13.51 -5.61
CA SER A 100 9.50 12.65 -5.99
C SER A 100 9.65 11.45 -5.05
N ASP A 101 9.04 11.51 -3.87
CA ASP A 101 9.20 10.45 -2.85
C ASP A 101 7.91 9.84 -2.31
N THR A 102 6.75 10.28 -2.80
CA THR A 102 5.48 9.68 -2.39
C THR A 102 4.43 9.75 -3.50
N CYS A 103 3.53 8.78 -3.53
CA CYS A 103 2.26 8.92 -4.24
C CYS A 103 1.14 8.53 -3.30
N GLY A 104 -0.03 9.09 -3.56
CA GLY A 104 -1.21 8.85 -2.75
C GLY A 104 -2.48 9.10 -3.54
N THR A 105 -3.44 8.19 -3.40
CA THR A 105 -4.78 8.32 -3.98
C THR A 105 -5.53 9.49 -3.34
N THR A 106 -6.45 10.09 -4.09
CA THR A 106 -7.23 11.25 -3.60
C THR A 106 -8.75 11.13 -3.63
N ASP A 107 -9.30 10.24 -4.47
CA ASP A 107 -10.76 10.15 -4.58
C ASP A 107 -11.14 8.68 -4.62
N GLU A 108 -11.03 8.04 -3.47
CA GLU A 108 -11.22 6.60 -3.37
C GLU A 108 -12.68 6.16 -3.56
N ALA A 109 -13.62 7.09 -3.40
CA ALA A 109 -15.04 6.83 -3.61
C ALA A 109 -15.35 6.58 -5.09
N SER A 110 -14.71 7.32 -5.97
CA SER A 110 -14.90 7.11 -7.41
C SER A 110 -14.19 5.81 -7.82
N LEU A 111 -13.08 5.50 -7.16
CA LEU A 111 -12.39 4.24 -7.39
C LEU A 111 -13.25 3.05 -6.92
N PHE A 112 -13.86 3.16 -5.74
CA PHE A 112 -14.79 2.13 -5.27
C PHE A 112 -15.89 1.91 -6.30
N GLU A 113 -16.50 3.00 -6.75
CA GLU A 113 -17.57 2.96 -7.73
C GLU A 113 -17.13 2.15 -8.94
N PHE A 114 -15.96 2.47 -9.47
CA PHE A 114 -15.42 1.75 -10.62
C PHE A 114 -15.25 0.26 -10.35
N GLN A 115 -14.60 -0.08 -9.24
CA GLN A 115 -14.37 -1.48 -8.89
C GLN A 115 -15.67 -2.23 -8.62
N ASP A 116 -16.58 -1.59 -7.88
CA ASP A 116 -17.87 -2.20 -7.50
C ASP A 116 -18.71 -2.54 -8.75
N LYS A 117 -18.83 -1.58 -9.66
CA LYS A 117 -19.61 -1.77 -10.89
C LYS A 117 -19.10 -2.94 -11.72
N HIS A 118 -17.78 -3.10 -11.81
CA HIS A 118 -17.18 -4.15 -12.64
C HIS A 118 -16.81 -5.42 -11.88
N ASN A 119 -17.17 -5.51 -10.60
CA ASN A 119 -16.89 -6.67 -9.76
C ASN A 119 -15.41 -7.04 -9.73
N LEU A 120 -14.56 -6.01 -9.63
CA LEU A 120 -13.11 -6.19 -9.53
C LEU A 120 -12.63 -6.19 -8.10
N LEU A 121 -11.97 -7.27 -7.69
CA LEU A 121 -11.33 -7.34 -6.39
C LEU A 121 -10.01 -6.57 -6.40
N THR A 122 -9.60 -6.08 -5.23
CA THR A 122 -8.24 -5.57 -5.04
C THR A 122 -7.36 -6.69 -4.55
N LEU A 123 -6.32 -7.03 -5.31
CA LEU A 123 -5.42 -8.12 -4.97
C LEU A 123 -4.02 -7.65 -4.60
N GLY A 124 -3.77 -6.35 -4.72
CA GLY A 124 -2.45 -5.78 -4.50
C GLY A 124 -2.34 -4.40 -5.12
N TRP A 125 -1.13 -3.87 -5.13
CA TRP A 125 -0.90 -2.56 -5.71
C TRP A 125 0.53 -2.51 -6.19
N ILE A 126 0.86 -1.45 -6.91
CA ILE A 126 2.17 -1.29 -7.52
C ILE A 126 2.50 0.19 -7.47
N HIS A 127 3.78 0.52 -7.26
CA HIS A 127 4.21 1.92 -7.38
C HIS A 127 5.68 2.07 -7.80
N THR A 128 6.04 3.27 -8.25
CA THR A 128 7.40 3.56 -8.71
C THR A 128 8.23 4.29 -7.67
N HIS A 129 9.52 3.94 -7.68
CA HIS A 129 10.59 4.71 -7.07
C HIS A 129 11.41 5.27 -8.23
N PRO A 130 11.07 6.48 -8.69
CA PRO A 130 11.73 6.96 -9.92
C PRO A 130 13.26 6.97 -9.84
N THR A 131 13.81 7.41 -8.71
CA THR A 131 15.28 7.48 -8.55
C THR A 131 15.82 6.54 -7.48
N GLN A 132 14.96 5.88 -6.70
CA GLN A 132 15.43 5.14 -5.54
C GLN A 132 15.64 3.65 -5.86
N THR A 133 16.29 2.95 -4.94
CA THR A 133 16.45 1.51 -5.07
C THR A 133 15.11 0.83 -4.79
N CYS A 134 15.09 -0.47 -5.03
CA CYS A 134 13.88 -1.26 -4.90
C CYS A 134 13.72 -1.78 -3.47
N PHE A 135 12.72 -1.28 -2.77
CA PHE A 135 12.45 -1.68 -1.39
C PHE A 135 11.08 -1.21 -0.95
N MET A 136 10.56 -1.80 0.12
CA MET A 136 9.32 -1.33 0.74
C MET A 136 9.65 -0.34 1.84
N SER A 137 9.27 0.93 1.67
CA SER A 137 9.42 1.94 2.72
C SER A 137 8.40 1.75 3.83
N SER A 138 8.61 2.43 4.96
CA SER A 138 7.65 2.42 6.04
C SER A 138 6.26 2.90 5.59
N VAL A 139 6.21 3.88 4.70
CA VAL A 139 4.94 4.35 4.12
C VAL A 139 4.25 3.22 3.37
N ALA A 140 4.98 2.57 2.47
CA ALA A 140 4.41 1.46 1.72
C ALA A 140 4.00 0.29 2.64
N LEU A 141 4.82 0.01 3.66
CA LEU A 141 4.54 -1.07 4.58
C LEU A 141 3.24 -0.84 5.35
N HIS A 142 3.06 0.38 5.83
CA HIS A 142 1.83 0.76 6.53
C HIS A 142 0.62 0.66 5.60
N THR A 143 0.76 1.12 4.36
CA THR A 143 -0.30 0.97 3.37
C THR A 143 -0.66 -0.50 3.15
N HIS A 144 0.35 -1.33 2.90
CA HIS A 144 0.13 -2.70 2.48
C HIS A 144 -0.39 -3.61 3.60
N CYS A 145 0.04 -3.34 4.83
CA CYS A 145 -0.41 -4.09 6.01
C CYS A 145 -1.94 -4.26 6.01
N SER A 146 -2.64 -3.15 5.79
CA SER A 146 -4.11 -3.12 5.81
C SER A 146 -4.74 -3.99 4.71
N TYR A 147 -4.12 -4.00 3.53
CA TYR A 147 -4.58 -4.87 2.46
C TYR A 147 -4.32 -6.34 2.80
N GLN A 148 -3.14 -6.62 3.34
CA GLN A 148 -2.71 -7.99 3.61
C GLN A 148 -3.52 -8.60 4.74
N LEU A 149 -3.94 -7.76 5.68
CA LEU A 149 -4.79 -8.19 6.79
C LEU A 149 -6.15 -8.66 6.29
N MET A 150 -6.66 -8.04 5.24
CA MET A 150 -7.94 -8.42 4.66
C MET A 150 -7.80 -9.59 3.67
N LEU A 151 -6.70 -9.59 2.92
CA LEU A 151 -6.40 -10.63 1.95
C LEU A 151 -4.98 -11.12 2.21
N PRO A 152 -4.84 -12.28 2.87
CA PRO A 152 -3.50 -12.81 3.20
C PRO A 152 -2.55 -12.89 2.00
N GLU A 153 -3.12 -13.00 0.80
CA GLU A 153 -2.36 -13.10 -0.45
C GLU A 153 -1.91 -11.76 -1.06
N ALA A 154 -2.38 -10.64 -0.50
CA ALA A 154 -2.09 -9.33 -1.12
C ALA A 154 -0.59 -9.09 -1.28
N ILE A 155 -0.23 -8.50 -2.42
CA ILE A 155 1.16 -8.25 -2.78
C ILE A 155 1.38 -6.77 -3.13
N ALA A 156 2.62 -6.33 -2.98
CA ALA A 156 3.02 -4.97 -3.31
C ALA A 156 4.20 -5.06 -4.27
N ILE A 157 4.06 -4.46 -5.44
CA ILE A 157 5.14 -4.45 -6.43
C ILE A 157 5.76 -3.06 -6.43
N VAL A 158 7.09 -3.01 -6.40
CA VAL A 158 7.82 -1.76 -6.45
C VAL A 158 8.73 -1.80 -7.66
N MET A 159 8.67 -0.75 -8.48
CA MET A 159 9.53 -0.59 -9.65
C MET A 159 10.56 0.49 -9.35
N ALA A 160 11.82 0.19 -9.65
CA ALA A 160 12.89 1.14 -9.51
C ALA A 160 13.53 1.31 -10.89
N PRO A 161 12.87 2.08 -11.78
CA PRO A 161 13.30 2.11 -13.18
C PRO A 161 14.67 2.75 -13.45
N SER A 162 15.17 3.61 -12.57
CA SER A 162 16.49 4.18 -12.78
C SER A 162 17.56 3.16 -12.45
N LYS A 163 17.19 2.16 -11.66
CA LYS A 163 18.10 1.03 -11.37
C LYS A 163 17.80 -0.12 -12.30
N ASN A 164 16.70 -0.04 -13.05
CA ASN A 164 16.22 -1.15 -13.85
C ASN A 164 16.00 -2.41 -13.00
N THR A 165 15.43 -2.22 -11.81
CA THR A 165 15.09 -3.32 -10.93
C THR A 165 13.63 -3.22 -10.51
N SER A 166 13.11 -4.32 -9.98
CA SER A 166 11.76 -4.37 -9.45
C SER A 166 11.69 -5.51 -8.49
N GLY A 167 10.58 -5.61 -7.77
CA GLY A 167 10.36 -6.70 -6.84
C GLY A 167 8.92 -6.77 -6.39
N ILE A 168 8.52 -7.95 -5.93
CA ILE A 168 7.19 -8.18 -5.41
C ILE A 168 7.33 -8.57 -3.94
N PHE A 169 6.63 -7.85 -3.09
CA PHE A 169 6.83 -7.96 -1.66
C PHE A 169 5.54 -8.25 -0.88
N ARG A 170 5.72 -8.71 0.36
CA ARG A 170 4.63 -8.89 1.30
C ARG A 170 5.22 -8.86 2.71
N LEU A 171 4.39 -8.58 3.70
CA LEU A 171 4.85 -8.55 5.09
C LEU A 171 4.95 -9.98 5.59
N LEU A 172 5.85 -10.22 6.53
CA LEU A 172 5.90 -11.49 7.21
C LEU A 172 4.59 -11.66 7.99
N ASP A 173 4.02 -12.86 7.93
CA ASP A 173 2.70 -13.12 8.48
C ASP A 173 2.86 -14.27 9.48
N PRO A 174 2.61 -14.01 10.79
CA PRO A 174 1.99 -12.84 11.40
C PRO A 174 2.89 -11.71 11.92
N GLU A 175 4.17 -11.99 12.21
CA GLU A 175 5.03 -11.05 12.95
C GLU A 175 5.19 -9.66 12.30
N GLY A 176 5.29 -9.63 10.98
CA GLY A 176 5.51 -8.39 10.25
C GLY A 176 4.29 -7.54 10.32
N LEU A 177 3.14 -8.18 10.13
CA LEU A 177 1.84 -7.52 10.22
C LEU A 177 1.59 -7.00 11.63
N GLN A 178 1.91 -7.82 12.63
CA GLN A 178 1.74 -7.40 14.02
C GLN A 178 2.61 -6.17 14.33
N THR A 179 3.86 -6.19 13.88
CA THR A 179 4.78 -5.05 14.06
C THR A 179 4.21 -3.75 13.50
N ILE A 180 3.61 -3.81 12.32
CA ILE A 180 3.05 -2.62 11.69
C ILE A 180 1.73 -2.21 12.34
N VAL A 181 0.90 -3.19 12.69
CA VAL A 181 -0.35 -2.89 13.43
C VAL A 181 -0.04 -2.19 14.75
N LYS A 182 0.97 -2.65 15.48
CA LYS A 182 1.31 -2.08 16.79
C LYS A 182 2.02 -0.73 16.69
N CYS A 183 2.56 -0.38 15.52
CA CYS A 183 3.40 0.80 15.37
C CYS A 183 2.64 2.13 15.53
N ARG A 184 3.11 2.99 16.42
CA ARG A 184 2.53 4.34 16.61
C ARG A 184 3.61 5.42 16.50
N LYS A 185 4.60 5.17 15.64
CA LYS A 185 5.76 6.05 15.55
C LYS A 185 5.42 7.26 14.70
N PRO A 186 5.69 8.47 15.22
CA PRO A 186 5.43 9.65 14.41
C PRO A 186 6.48 9.80 13.30
N GLY A 187 6.08 10.48 12.23
CA GLY A 187 6.96 10.69 11.09
C GLY A 187 6.42 9.89 9.92
N LEU A 188 6.29 10.55 8.78
CA LEU A 188 5.88 9.90 7.54
C LEU A 188 6.78 8.70 7.28
N PHE A 189 8.09 8.94 7.24
CA PHE A 189 9.05 7.87 7.16
C PHE A 189 9.70 7.70 8.52
N HIS A 190 9.74 6.45 8.99
CA HIS A 190 10.43 6.11 10.24
C HIS A 190 10.84 4.63 10.16
N PRO A 191 11.86 4.22 10.94
CA PRO A 191 12.34 2.85 10.88
C PRO A 191 11.54 1.90 11.77
N HIS A 192 11.68 0.62 11.52
CA HIS A 192 11.04 -0.42 12.31
C HIS A 192 12.11 -1.39 12.80
N GLU A 193 11.86 -2.02 13.95
CA GLU A 193 12.75 -3.07 14.42
C GLU A 193 12.33 -4.38 13.72
N GLY A 194 13.29 -5.26 13.47
CA GLY A 194 13.02 -6.56 12.86
C GLY A 194 12.94 -6.49 11.35
N LYS A 195 12.85 -7.65 10.72
CA LYS A 195 12.87 -7.75 9.26
C LYS A 195 11.58 -7.20 8.61
N VAL A 196 10.42 -7.52 9.21
CA VAL A 196 9.11 -6.98 8.86
C VAL A 196 8.52 -7.51 7.55
N TYR A 197 9.27 -7.44 6.45
CA TYR A 197 8.75 -7.86 5.15
C TYR A 197 9.70 -8.73 4.36
N THR A 198 9.19 -9.28 3.27
CA THR A 198 9.94 -10.25 2.45
C THR A 198 9.56 -10.13 0.99
N MET A 199 10.49 -10.51 0.13
CA MET A 199 10.24 -10.67 -1.29
C MET A 199 9.50 -12.00 -1.48
N VAL A 200 8.52 -12.06 -2.37
CA VAL A 200 7.76 -13.32 -2.52
C VAL A 200 8.68 -14.40 -3.11
N ALA A 201 8.47 -15.64 -2.69
CA ALA A 201 9.28 -16.76 -3.11
C ALA A 201 9.13 -16.99 -4.61
N GLN A 202 10.21 -17.43 -5.23
CA GLN A 202 10.24 -17.80 -6.64
C GLN A 202 10.61 -19.28 -6.73
N PRO A 203 9.64 -20.14 -7.08
CA PRO A 203 8.21 -19.88 -7.27
C PRO A 203 7.49 -19.75 -5.94
N GLY A 204 6.30 -19.17 -5.98
CA GLY A 204 5.51 -18.92 -4.77
C GLY A 204 4.05 -18.90 -5.12
N HIS A 205 3.23 -18.29 -4.27
CA HIS A 205 1.80 -18.17 -4.55
C HIS A 205 1.52 -17.20 -5.70
N VAL A 206 2.47 -16.31 -5.98
CA VAL A 206 2.41 -15.44 -7.16
C VAL A 206 3.00 -16.19 -8.36
N ARG A 207 2.21 -16.37 -9.41
CA ARG A 207 2.69 -17.06 -10.61
C ARG A 207 2.55 -16.17 -11.84
N GLU A 208 3.68 -15.81 -12.43
CA GLU A 208 3.71 -14.93 -13.59
C GLU A 208 3.42 -15.72 -14.85
N ILE A 209 2.36 -15.34 -15.55
CA ILE A 209 1.97 -16.02 -16.78
C ILE A 209 1.89 -15.07 -17.96
N ASN A 210 2.05 -15.62 -19.15
CA ASN A 210 1.77 -14.87 -20.36
C ASN A 210 0.28 -14.78 -20.48
N SER A 211 -0.22 -13.55 -20.44
CA SER A 211 -1.64 -13.31 -20.49
C SER A 211 -1.94 -11.90 -20.98
N LYS A 212 -3.13 -11.75 -21.54
CA LYS A 212 -3.67 -10.46 -21.87
C LYS A 212 -3.73 -9.61 -20.61
N LEU A 213 -3.86 -8.30 -20.80
CA LEU A 213 -3.89 -7.36 -19.70
C LEU A 213 -4.65 -6.12 -20.13
N GLN A 214 -5.42 -5.56 -19.20
CA GLN A 214 -6.18 -4.36 -19.49
C GLN A 214 -5.82 -3.28 -18.47
N VAL A 215 -5.49 -2.09 -18.96
CA VAL A 215 -5.17 -0.99 -18.08
C VAL A 215 -6.32 0.00 -18.08
N VAL A 216 -6.72 0.43 -16.88
CA VAL A 216 -7.74 1.44 -16.70
C VAL A 216 -7.13 2.64 -15.99
N ASP A 217 -7.07 3.76 -16.70
CA ASP A 217 -6.48 4.98 -16.19
C ASP A 217 -7.62 5.96 -15.87
N LEU A 218 -7.91 6.14 -14.59
CA LEU A 218 -8.98 7.01 -14.15
C LEU A 218 -8.52 8.47 -13.99
N ARG A 219 -7.25 8.77 -14.26
CA ARG A 219 -6.71 10.10 -13.94
C ARG A 219 -7.28 11.23 -14.78
N VAL A 220 -7.21 12.43 -14.21
CA VAL A 220 -7.76 13.67 -14.81
C VAL A 220 -6.67 14.74 -14.89
N MET B 1 -27.58 -3.43 17.35
CA MET B 1 -27.76 -3.94 15.97
C MET B 1 -26.42 -4.37 15.39
N GLN B 2 -26.46 -5.08 14.27
CA GLN B 2 -25.25 -5.40 13.53
C GLN B 2 -25.29 -4.73 12.16
N ILE B 3 -24.12 -4.41 11.64
CA ILE B 3 -23.96 -3.97 10.25
C ILE B 3 -22.81 -4.73 9.61
N PHE B 4 -22.75 -4.67 8.28
CA PHE B 4 -21.72 -5.36 7.53
C PHE B 4 -20.89 -4.31 6.79
N VAL B 5 -19.58 -4.54 6.72
CA VAL B 5 -18.66 -3.72 5.93
C VAL B 5 -17.99 -4.65 4.92
N LYS B 6 -18.41 -4.55 3.66
CA LYS B 6 -17.81 -5.30 2.56
C LYS B 6 -16.58 -4.57 2.07
N THR B 7 -15.48 -5.29 1.96
CA THR B 7 -14.22 -4.75 1.42
C THR B 7 -14.14 -5.13 -0.04
N LEU B 8 -13.25 -4.46 -0.77
CA LEU B 8 -13.01 -4.78 -2.18
C LEU B 8 -12.11 -6.00 -2.36
N THR B 9 -11.66 -6.59 -1.25
CA THR B 9 -10.86 -7.82 -1.28
C THR B 9 -11.72 -9.09 -1.15
N GLY B 10 -13.04 -8.94 -1.18
CA GLY B 10 -13.96 -10.08 -1.16
C GLY B 10 -14.39 -10.51 0.24
N LYS B 11 -14.01 -9.74 1.24
CA LYS B 11 -14.28 -10.08 2.64
C LYS B 11 -15.36 -9.17 3.20
N THR B 12 -16.12 -9.69 4.15
CA THR B 12 -17.18 -8.96 4.81
C THR B 12 -16.95 -8.94 6.31
N ILE B 13 -16.83 -7.74 6.85
CA ILE B 13 -16.65 -7.54 8.28
C ILE B 13 -18.03 -7.33 8.90
N THR B 14 -18.27 -8.00 10.02
CA THR B 14 -19.49 -7.83 10.79
C THR B 14 -19.16 -7.00 12.02
N LEU B 15 -20.01 -6.01 12.32
CA LEU B 15 -19.80 -5.13 13.47
C LEU B 15 -21.07 -4.98 14.30
N GLU B 16 -20.96 -5.16 15.60
CA GLU B 16 -22.04 -4.78 16.51
C GLU B 16 -21.96 -3.28 16.74
N VAL B 17 -23.07 -2.58 16.49
CA VAL B 17 -23.12 -1.12 16.67
C VAL B 17 -24.44 -0.62 17.25
N GLU B 18 -24.43 0.63 17.68
CA GLU B 18 -25.65 1.36 18.05
C GLU B 18 -25.92 2.37 16.94
N PRO B 19 -27.20 2.70 16.69
CA PRO B 19 -27.53 3.76 15.72
C PRO B 19 -26.86 5.13 15.98
N SER B 20 -26.55 5.40 17.25
CA SER B 20 -25.97 6.67 17.67
C SER B 20 -24.43 6.70 17.59
N ASP B 21 -23.81 5.61 17.15
CA ASP B 21 -22.37 5.59 16.93
C ASP B 21 -21.99 6.51 15.79
N THR B 22 -20.95 7.30 16.02
CA THR B 22 -20.37 8.11 14.96
C THR B 22 -19.58 7.23 14.01
N ILE B 23 -19.46 7.69 12.78
CA ILE B 23 -18.65 6.99 11.78
C ILE B 23 -17.22 6.81 12.26
N GLU B 24 -16.70 7.83 12.94
CA GLU B 24 -15.39 7.77 13.58
C GLU B 24 -15.31 6.57 14.52
N ASN B 25 -16.39 6.34 15.27
CA ASN B 25 -16.43 5.25 16.23
C ASN B 25 -16.45 3.90 15.52
N VAL B 26 -17.16 3.83 14.40
CA VAL B 26 -17.21 2.64 13.57
C VAL B 26 -15.81 2.30 13.00
N LYS B 27 -15.08 3.33 12.57
CA LYS B 27 -13.70 3.17 12.10
C LYS B 27 -12.76 2.64 13.18
N ALA B 28 -12.87 3.19 14.39
CA ALA B 28 -12.08 2.72 15.55
C ALA B 28 -12.37 1.25 15.87
N LYS B 29 -13.61 0.82 15.65
CA LYS B 29 -13.98 -0.58 15.86
C LYS B 29 -13.36 -1.47 14.79
N ILE B 30 -13.32 -0.97 13.56
CA ILE B 30 -12.66 -1.66 12.46
C ILE B 30 -11.17 -1.79 12.74
N GLN B 31 -10.57 -0.76 13.33
CA GLN B 31 -9.17 -0.85 13.77
C GLN B 31 -8.97 -1.92 14.85
N ASP B 32 -9.87 -1.94 15.82
CA ASP B 32 -9.78 -2.91 16.92
C ASP B 32 -9.93 -4.35 16.41
N LYS B 33 -10.84 -4.57 15.47
CA LYS B 33 -11.07 -5.92 14.95
C LYS B 33 -10.12 -6.32 13.82
N GLU B 34 -9.84 -5.42 12.89
CA GLU B 34 -9.09 -5.77 11.68
C GLU B 34 -7.67 -5.20 11.62
N GLY B 35 -7.35 -4.24 12.48
CA GLY B 35 -6.02 -3.64 12.51
C GLY B 35 -5.75 -2.52 11.50
N ILE B 36 -6.79 -2.04 10.84
CA ILE B 36 -6.67 -0.98 9.83
C ILE B 36 -6.85 0.42 10.48
N PRO B 37 -5.85 1.30 10.35
CA PRO B 37 -5.98 2.63 10.95
C PRO B 37 -7.16 3.46 10.37
N PRO B 38 -7.88 4.20 11.23
CA PRO B 38 -9.00 5.04 10.80
C PRO B 38 -8.72 6.01 9.65
N ASP B 39 -7.55 6.65 9.66
CA ASP B 39 -7.19 7.63 8.64
C ASP B 39 -7.02 7.02 7.25
N GLN B 40 -6.83 5.71 7.18
CA GLN B 40 -6.72 5.03 5.90
C GLN B 40 -8.10 4.64 5.33
N GLN B 41 -9.13 4.63 6.19
CA GLN B 41 -10.45 4.12 5.85
C GLN B 41 -11.38 5.17 5.25
N ARG B 42 -12.10 4.77 4.20
CA ARG B 42 -13.23 5.54 3.66
C ARG B 42 -14.45 4.60 3.63
N LEU B 43 -15.52 5.01 4.30
CA LEU B 43 -16.73 4.19 4.37
C LEU B 43 -17.84 4.79 3.51
N ILE B 44 -18.50 3.93 2.74
CA ILE B 44 -19.52 4.36 1.79
C ILE B 44 -20.84 3.62 2.06
N PHE B 45 -21.93 4.37 1.99
CA PHE B 45 -23.27 3.78 2.07
C PHE B 45 -24.20 4.44 1.06
N ALA B 46 -24.74 3.62 0.16
CA ALA B 46 -25.75 4.04 -0.81
C ALA B 46 -25.31 5.30 -1.55
N GLY B 47 -24.13 5.22 -2.16
CA GLY B 47 -23.59 6.28 -3.00
C GLY B 47 -22.96 7.48 -2.26
N LYS B 48 -22.99 7.44 -0.93
CA LYS B 48 -22.46 8.53 -0.12
C LYS B 48 -21.22 8.10 0.65
N GLN B 49 -20.15 8.89 0.59
CA GLN B 49 -19.03 8.72 1.51
C GLN B 49 -19.42 9.31 2.85
N LEU B 50 -19.19 8.54 3.92
CA LEU B 50 -19.70 8.89 5.23
C LEU B 50 -18.70 9.76 5.99
N GLU B 51 -19.24 10.74 6.71
CA GLU B 51 -18.46 11.76 7.41
C GLU B 51 -18.17 11.31 8.84
N ASP B 52 -16.96 11.57 9.31
CA ASP B 52 -16.49 11.10 10.62
C ASP B 52 -17.39 11.57 11.77
N GLY B 53 -17.83 12.83 11.71
CA GLY B 53 -18.61 13.43 12.79
C GLY B 53 -20.09 13.13 12.82
N ARG B 54 -20.62 12.51 11.76
CA ARG B 54 -22.03 12.10 11.72
C ARG B 54 -22.21 10.70 12.28
N THR B 55 -23.46 10.29 12.48
CA THR B 55 -23.79 9.01 13.08
C THR B 55 -24.45 8.07 12.08
N LEU B 56 -24.54 6.81 12.45
CA LEU B 56 -25.20 5.83 11.59
C LEU B 56 -26.66 6.22 11.29
N SER B 57 -27.40 6.64 12.32
CA SER B 57 -28.80 7.01 12.13
C SER B 57 -28.94 8.26 11.23
N ASP B 58 -27.96 9.16 11.25
CA ASP B 58 -27.98 10.33 10.35
C ASP B 58 -28.06 9.95 8.86
N TYR B 59 -27.48 8.81 8.50
CA TYR B 59 -27.53 8.33 7.12
C TYR B 59 -28.61 7.24 6.95
N ASN B 60 -29.41 7.07 7.99
CA ASN B 60 -30.49 6.10 7.96
C ASN B 60 -29.98 4.68 7.77
N ILE B 61 -28.83 4.41 8.35
CA ILE B 61 -28.25 3.08 8.31
C ILE B 61 -28.99 2.24 9.35
N GLN B 62 -29.43 1.07 8.95
CA GLN B 62 -30.28 0.22 9.80
C GLN B 62 -29.64 -1.12 10.07
N ARG B 63 -30.26 -1.90 10.96
CA ARG B 63 -29.81 -3.24 11.28
C ARG B 63 -29.61 -4.05 9.98
N GLU B 64 -28.50 -4.79 9.92
CA GLU B 64 -28.11 -5.56 8.73
C GLU B 64 -27.79 -4.73 7.47
N SER B 65 -27.73 -3.41 7.57
CA SER B 65 -27.27 -2.60 6.43
C SER B 65 -25.84 -2.97 6.07
N THR B 66 -25.50 -2.81 4.81
CA THR B 66 -24.16 -3.08 4.32
C THR B 66 -23.49 -1.77 3.91
N LEU B 67 -22.35 -1.48 4.55
CA LEU B 67 -21.47 -0.39 4.13
C LEU B 67 -20.35 -0.99 3.29
N HIS B 68 -19.61 -0.10 2.62
CA HIS B 68 -18.46 -0.52 1.82
C HIS B 68 -17.24 0.26 2.28
N LEU B 69 -16.12 -0.42 2.33
CA LEU B 69 -14.86 0.15 2.78
C LEU B 69 -13.89 0.22 1.62
N VAL B 70 -13.29 1.40 1.42
CA VAL B 70 -12.19 1.55 0.46
C VAL B 70 -11.02 2.23 1.18
N LEU B 71 -9.81 1.78 0.89
CA LEU B 71 -8.64 2.24 1.62
C LEU B 71 -7.87 3.31 0.83
N ARG B 72 -7.29 4.24 1.58
CA ARG B 72 -6.33 5.16 1.00
C ARG B 72 -5.05 4.38 0.74
N LEU B 73 -4.46 4.68 -0.40
CA LEU B 73 -3.20 4.08 -0.78
C LEU B 73 -2.11 5.15 -0.73
N ARG B 74 -0.95 4.78 -0.19
CA ARG B 74 0.19 5.69 -0.15
C ARG B 74 1.50 4.91 -0.26
N GLY B 75 2.38 5.31 -1.18
CA GLY B 75 3.68 4.67 -1.36
C GLY B 75 4.82 5.66 -1.48
N GLY B 76 6.05 5.15 -1.57
CA GLY B 76 7.19 5.96 -2.00
C GLY B 76 8.46 5.71 -1.22
N MET C 1 13.31 15.00 1.49
CA MET C 1 13.30 13.55 1.82
C MET C 1 13.70 13.33 3.27
N GLN C 2 13.28 12.21 3.84
CA GLN C 2 13.59 11.89 5.22
C GLN C 2 14.61 10.76 5.28
N ILE C 3 15.64 10.97 6.10
CA ILE C 3 16.69 9.97 6.32
C ILE C 3 16.81 9.67 7.81
N PHE C 4 17.43 8.55 8.17
CA PHE C 4 17.55 8.15 9.58
C PHE C 4 18.99 8.30 10.07
N VAL C 5 19.13 8.84 11.28
CA VAL C 5 20.42 8.98 11.95
C VAL C 5 20.35 8.23 13.29
N LYS C 6 21.01 7.07 13.35
CA LYS C 6 20.97 6.21 14.52
C LYS C 6 21.95 6.68 15.58
N THR C 12 17.20 6.56 17.31
CA THR C 12 17.27 6.92 15.90
C THR C 12 16.37 8.13 15.61
N ILE C 13 16.99 9.21 15.11
CA ILE C 13 16.26 10.43 14.77
C ILE C 13 15.91 10.42 13.29
N THR C 14 14.79 11.06 12.95
CA THR C 14 14.41 11.28 11.55
C THR C 14 14.77 12.72 11.18
N LEU C 15 15.46 12.89 10.05
CA LEU C 15 15.80 14.23 9.54
C LEU C 15 15.11 14.51 8.20
N GLU C 16 14.53 15.70 8.07
CA GLU C 16 14.02 16.18 6.79
C GLU C 16 15.17 16.90 6.09
N VAL C 17 15.53 16.42 4.89
CA VAL C 17 16.69 16.96 4.16
C VAL C 17 16.46 17.03 2.65
N GLU C 18 17.37 17.74 1.97
CA GLU C 18 17.38 17.85 0.53
C GLU C 18 18.67 17.21 0.00
N PRO C 19 18.63 16.60 -1.20
CA PRO C 19 19.83 16.01 -1.78
C PRO C 19 21.03 16.98 -1.83
N SER C 20 20.76 18.25 -2.06
CA SER C 20 21.80 19.28 -2.16
C SER C 20 22.30 19.82 -0.81
N ASP C 21 21.69 19.38 0.30
CA ASP C 21 22.20 19.76 1.63
C ASP C 21 23.60 19.19 1.83
N THR C 22 24.50 20.01 2.35
CA THR C 22 25.87 19.58 2.61
C THR C 22 25.93 18.76 3.90
N ILE C 23 27.01 18.01 4.09
CA ILE C 23 27.21 17.27 5.33
C ILE C 23 27.29 18.27 6.48
N GLU C 24 27.91 19.43 6.21
CA GLU C 24 27.93 20.53 7.17
C GLU C 24 26.50 20.98 7.51
N ASN C 25 25.69 21.23 6.47
CA ASN C 25 24.29 21.64 6.66
C ASN C 25 23.48 20.60 7.42
N VAL C 26 23.84 19.32 7.26
CA VAL C 26 23.17 18.24 7.99
C VAL C 26 23.61 18.22 9.46
N LYS C 27 24.91 18.39 9.70
CA LYS C 27 25.46 18.38 11.06
C LYS C 27 25.19 19.70 11.78
N LEU C 43 29.37 10.97 11.08
CA LEU C 43 28.52 10.54 9.97
C LEU C 43 29.27 9.54 9.06
N ILE C 44 28.72 8.32 8.97
CA ILE C 44 29.17 7.30 8.02
C ILE C 44 27.93 6.86 7.24
N PHE C 45 28.10 6.31 6.04
CA PHE C 45 26.98 5.71 5.30
C PHE C 45 27.32 4.28 4.88
N ALA C 46 27.42 3.40 5.87
CA ALA C 46 27.73 1.99 5.67
C ALA C 46 29.09 1.81 5.02
N LYS C 48 31.70 4.62 4.54
CA LYS C 48 32.52 5.76 4.13
C LYS C 48 32.13 7.00 4.92
N GLN C 49 33.12 7.67 5.51
CA GLN C 49 32.90 8.92 6.25
C GLN C 49 32.56 10.05 5.28
N LEU C 50 31.62 10.91 5.68
CA LEU C 50 31.08 11.93 4.80
C LEU C 50 31.82 13.26 4.97
N GLU C 51 32.59 13.66 3.95
CA GLU C 51 33.39 14.88 4.02
C GLU C 51 32.51 16.13 4.06
N ASP C 52 32.87 17.08 4.92
CA ASP C 52 32.05 18.27 5.20
C ASP C 52 31.71 19.14 3.98
N GLY C 53 32.63 19.21 3.01
CA GLY C 53 32.41 19.96 1.78
C GLY C 53 31.52 19.26 0.75
N ARG C 54 31.21 17.99 0.98
CA ARG C 54 30.38 17.21 0.06
C ARG C 54 28.88 17.34 0.38
N THR C 55 28.04 17.01 -0.60
CA THR C 55 26.58 17.01 -0.41
C THR C 55 26.08 15.58 -0.27
N LEU C 56 24.83 15.43 0.14
CA LEU C 56 24.23 14.10 0.34
C LEU C 56 24.11 13.30 -0.97
N SER C 57 23.72 13.98 -2.04
CA SER C 57 23.53 13.35 -3.36
C SER C 57 24.77 12.64 -3.88
N ASP C 58 25.95 13.12 -3.50
CA ASP C 58 27.23 12.50 -3.88
C ASP C 58 27.32 11.03 -3.44
N TYR C 59 26.71 10.72 -2.30
CA TYR C 59 26.78 9.37 -1.71
C TYR C 59 25.55 8.52 -2.03
N ASN C 60 24.77 8.94 -3.03
CA ASN C 60 23.55 8.24 -3.41
C ASN C 60 22.65 7.95 -2.20
N ILE C 61 22.53 8.93 -1.32
CA ILE C 61 21.65 8.84 -0.16
C ILE C 61 20.23 9.18 -0.62
N GLN C 62 19.27 8.42 -0.12
CA GLN C 62 17.88 8.50 -0.56
C GLN C 62 16.96 8.38 0.65
N LYS C 63 15.66 8.42 0.42
CA LYS C 63 14.69 8.24 1.52
C LYS C 63 14.97 6.96 2.31
N GLU C 64 14.93 7.09 3.62
CA GLU C 64 15.15 6.01 4.59
C GLU C 64 16.58 5.46 4.67
N SER C 65 17.55 6.12 4.02
CA SER C 65 18.95 5.75 4.20
C SER C 65 19.33 5.95 5.66
N THR C 66 20.10 5.02 6.21
CA THR C 66 20.49 5.05 7.62
C THR C 66 21.93 5.54 7.80
N LEU C 67 22.09 6.67 8.50
CA LEU C 67 23.41 7.18 8.89
C LEU C 67 23.70 6.91 10.37
N HIS C 68 24.98 6.95 10.74
CA HIS C 68 25.43 6.74 12.11
C HIS C 68 26.14 7.98 12.62
N LEU C 69 25.72 8.48 13.78
CA LEU C 69 26.33 9.67 14.38
C LEU C 69 27.72 9.35 14.93
#